data_8IPP
#
_entry.id   8IPP
#
_cell.length_a   76.759
_cell.length_b   83.587
_cell.length_c   31.858
_cell.angle_alpha   90.000
_cell.angle_beta   90.000
_cell.angle_gamma   90.000
#
_symmetry.space_group_name_H-M   'P 21 21 2'
#
loop_
_entity.id
_entity.type
_entity.pdbx_description
1 polymer 93del-T12
2 polymer 'DARPin protein 2E4'
3 non-polymer 'POTASSIUM ION'
4 non-polymer 'MAGNESIUM ION'
5 water water
#
loop_
_entity_poly.entity_id
_entity_poly.type
_entity_poly.pdbx_seq_one_letter_code
_entity_poly.pdbx_strand_id
1 'polydeoxyribonucleotide' (DG)(DG)(DG)(DG)(DT)(DG)(DG)(DG)(DA)(DG)(DG)(DT)(DG)(DG)(DG)(DT) A
2 'polypeptide(L)'
;MGGSHHHHHHGSDLGKKLLEAARAGQDDEVRILMANGADVNAKDRYGNTPLHLAAYMGHLEIVEVLLKYGADVNAMDHWG
RTPLHLAASRGHLDIVEVLLKHGADVNAQDKFGKTAFDISIDNGNEDLAEILQKLN
;
B
#
# COMPACT_ATOMS: atom_id res chain seq x y z
N GLY B 11 13.97 9.32 -21.86
CA GLY B 11 14.13 7.82 -21.70
C GLY B 11 13.67 7.38 -20.31
N SER B 12 12.57 6.63 -20.25
CA SER B 12 12.03 6.17 -18.97
C SER B 12 12.41 4.71 -18.71
N ASP B 13 11.97 4.13 -17.60
CA ASP B 13 12.11 2.70 -17.42
C ASP B 13 10.81 2.10 -16.89
N LEU B 14 10.83 0.76 -16.74
CA LEU B 14 9.64 0.00 -16.36
C LEU B 14 9.15 0.40 -14.96
N GLY B 15 10.09 0.63 -14.01
CA GLY B 15 9.82 1.09 -12.65
C GLY B 15 9.02 2.40 -12.64
N LYS B 16 9.54 3.39 -13.37
CA LYS B 16 8.90 4.70 -13.37
C LYS B 16 7.50 4.59 -13.99
N LYS B 17 7.35 3.67 -14.96
CA LYS B 17 6.11 3.52 -15.70
C LYS B 17 5.07 2.89 -14.80
N LEU B 18 5.50 1.83 -14.09
CA LEU B 18 4.75 1.17 -13.04
C LEU B 18 4.21 2.20 -12.04
N LEU B 19 5.08 3.10 -11.57
CA LEU B 19 4.68 4.13 -10.63
C LEU B 19 3.61 5.03 -11.24
N GLU B 20 3.75 5.33 -12.53
CA GLU B 20 2.84 6.25 -13.18
C GLU B 20 1.48 5.60 -13.34
N ALA B 21 1.53 4.31 -13.70
CA ALA B 21 0.34 3.50 -13.92
C ALA B 21 -0.46 3.37 -12.61
N ALA B 22 0.23 2.96 -11.53
CA ALA B 22 -0.27 3.01 -10.16
C ALA B 22 -0.88 4.37 -9.81
N ARG B 23 -0.16 5.46 -10.05
CA ARG B 23 -0.68 6.78 -9.73
C ARG B 23 -1.98 7.06 -10.49
N ALA B 24 -2.04 6.62 -11.77
CA ALA B 24 -3.20 6.95 -12.60
C ALA B 24 -4.33 5.92 -12.42
N GLY B 25 -4.09 4.87 -11.63
CA GLY B 25 -5.06 3.82 -11.45
C GLY B 25 -5.26 2.92 -12.67
N GLN B 26 -4.25 2.79 -13.52
CA GLN B 26 -4.37 2.00 -14.73
C GLN B 26 -3.94 0.57 -14.45
N ASP B 27 -4.92 -0.20 -13.96
CA ASP B 27 -4.71 -1.56 -13.50
C ASP B 27 -4.21 -2.48 -14.63
N ASP B 28 -4.73 -2.26 -15.84
CA ASP B 28 -4.37 -3.04 -17.01
C ASP B 28 -2.90 -2.82 -17.33
N GLU B 29 -2.57 -1.55 -17.58
CA GLU B 29 -1.19 -1.14 -17.70
C GLU B 29 -0.30 -1.76 -16.63
N VAL B 30 -0.71 -1.76 -15.35
CA VAL B 30 0.14 -2.33 -14.31
C VAL B 30 0.42 -3.81 -14.62
N ARG B 31 -0.61 -4.54 -15.04
CA ARG B 31 -0.50 -5.98 -15.25
C ARG B 31 0.54 -6.22 -16.33
N ILE B 32 0.53 -5.37 -17.37
CA ILE B 32 1.45 -5.53 -18.48
C ILE B 32 2.88 -5.29 -17.97
N LEU B 33 3.07 -4.15 -17.28
CA LEU B 33 4.38 -3.79 -16.79
C LEU B 33 4.90 -4.92 -15.91
N MET B 34 4.02 -5.49 -15.08
CA MET B 34 4.54 -6.50 -14.17
C MET B 34 5.12 -7.64 -15.00
N ALA B 35 4.36 -8.08 -16.03
CA ALA B 35 4.69 -9.21 -16.87
C ALA B 35 6.00 -8.97 -17.62
N ASN B 36 6.21 -7.75 -18.11
CA ASN B 36 7.45 -7.34 -18.74
C ASN B 36 8.58 -7.13 -17.72
N GLY B 37 8.36 -7.52 -16.46
CA GLY B 37 9.38 -7.49 -15.43
C GLY B 37 9.60 -6.14 -14.71
N ALA B 38 8.65 -5.20 -14.77
CA ALA B 38 8.82 -3.93 -14.07
C ALA B 38 9.23 -4.17 -12.62
N ASP B 39 10.04 -3.27 -12.06
CA ASP B 39 10.55 -3.36 -10.70
C ASP B 39 9.48 -3.01 -9.66
N VAL B 40 9.08 -4.03 -8.89
CA VAL B 40 7.90 -3.89 -8.04
C VAL B 40 8.11 -2.85 -6.94
N ASN B 41 9.38 -2.64 -6.53
CA ASN B 41 9.76 -1.81 -5.40
C ASN B 41 10.36 -0.48 -5.84
N ALA B 42 10.08 -0.05 -7.06
CA ALA B 42 10.45 1.31 -7.44
C ALA B 42 9.77 2.28 -6.47
N LYS B 43 10.36 3.46 -6.33
CA LYS B 43 9.95 4.42 -5.33
C LYS B 43 9.83 5.76 -6.03
N ASP B 44 8.73 6.48 -5.81
CA ASP B 44 8.63 7.86 -6.28
C ASP B 44 9.43 8.76 -5.35
N ARG B 45 9.31 10.08 -5.56
CA ARG B 45 10.11 11.04 -4.84
C ARG B 45 9.60 11.24 -3.41
N TYR B 46 8.44 10.65 -3.06
CA TYR B 46 7.96 10.67 -1.69
C TYR B 46 8.30 9.36 -0.98
N GLY B 47 8.89 8.39 -1.67
CA GLY B 47 9.14 7.09 -1.07
C GLY B 47 8.00 6.08 -1.23
N ASN B 48 6.91 6.50 -1.90
CA ASN B 48 5.84 5.58 -2.27
C ASN B 48 6.32 4.54 -3.27
N THR B 49 6.08 3.26 -2.95
CA THR B 49 6.13 2.21 -3.96
C THR B 49 4.77 2.10 -4.66
N PRO B 50 4.67 1.34 -5.77
CA PRO B 50 3.36 1.15 -6.40
C PRO B 50 2.35 0.57 -5.40
N LEU B 51 2.79 -0.35 -4.52
CA LEU B 51 1.93 -0.87 -3.46
C LEU B 51 1.36 0.26 -2.59
N HIS B 52 2.19 1.22 -2.17
CA HIS B 52 1.67 2.39 -1.45
C HIS B 52 0.46 2.97 -2.20
N LEU B 53 0.62 3.19 -3.51
CA LEU B 53 -0.35 3.98 -4.25
C LEU B 53 -1.65 3.18 -4.41
N ALA B 54 -1.54 1.86 -4.65
CA ALA B 54 -2.73 1.06 -4.89
C ALA B 54 -3.50 0.93 -3.58
N ALA B 55 -2.77 0.68 -2.48
CA ALA B 55 -3.35 0.62 -1.14
C ALA B 55 -4.10 1.91 -0.81
N TYR B 56 -3.49 3.08 -0.98
CA TYR B 56 -4.20 4.33 -0.75
C TYR B 56 -5.42 4.49 -1.68
N MET B 57 -5.26 4.08 -2.95
N MET B 57 -5.29 4.05 -2.92
CA MET B 57 -6.23 4.38 -4.00
CA MET B 57 -6.28 4.39 -3.93
C MET B 57 -7.42 3.41 -4.00
C MET B 57 -7.50 3.48 -3.85
N GLY B 58 -7.31 2.32 -3.23
CA GLY B 58 -8.41 1.40 -3.08
C GLY B 58 -8.39 0.35 -4.18
N HIS B 59 -7.23 0.17 -4.82
CA HIS B 59 -7.21 -0.77 -5.92
C HIS B 59 -6.84 -2.15 -5.42
N LEU B 60 -7.88 -2.86 -4.99
CA LEU B 60 -7.76 -4.16 -4.37
C LEU B 60 -7.04 -5.17 -5.26
N GLU B 61 -7.37 -5.19 -6.55
CA GLU B 61 -6.94 -6.33 -7.35
C GLU B 61 -5.45 -6.20 -7.64
N ILE B 62 -5.07 -4.97 -8.00
CA ILE B 62 -3.70 -4.57 -8.21
C ILE B 62 -2.85 -4.75 -6.95
N VAL B 63 -3.48 -4.61 -5.78
CA VAL B 63 -2.78 -4.81 -4.52
C VAL B 63 -2.33 -6.28 -4.52
N GLU B 64 -3.23 -7.16 -5.00
CA GLU B 64 -2.97 -8.58 -5.02
C GLU B 64 -1.94 -8.89 -6.11
N VAL B 65 -2.04 -8.18 -7.22
CA VAL B 65 -1.07 -8.41 -8.28
C VAL B 65 0.33 -8.05 -7.79
N LEU B 66 0.49 -6.85 -7.20
CA LEU B 66 1.78 -6.38 -6.75
C LEU B 66 2.42 -7.34 -5.74
N LEU B 67 1.62 -7.83 -4.78
CA LEU B 67 2.13 -8.74 -3.77
C LEU B 67 2.51 -10.09 -4.41
N LYS B 68 1.67 -10.55 -5.35
CA LYS B 68 1.96 -11.75 -6.10
C LYS B 68 3.37 -11.60 -6.70
N TYR B 69 3.64 -10.46 -7.34
CA TYR B 69 4.93 -10.20 -7.92
C TYR B 69 5.98 -9.79 -6.89
N GLY B 70 5.64 -9.85 -5.60
CA GLY B 70 6.69 -9.74 -4.59
C GLY B 70 6.93 -8.31 -4.10
N ALA B 71 5.97 -7.40 -4.31
CA ALA B 71 5.99 -6.10 -3.63
C ALA B 71 6.36 -6.25 -2.15
N ASP B 72 7.14 -5.28 -1.64
CA ASP B 72 7.54 -5.25 -0.24
C ASP B 72 6.38 -4.74 0.61
N VAL B 73 5.83 -5.63 1.45
CA VAL B 73 4.61 -5.33 2.20
C VAL B 73 4.83 -4.21 3.23
N ASN B 74 6.07 -4.10 3.75
CA ASN B 74 6.37 -3.13 4.80
C ASN B 74 7.23 -1.99 4.30
N ALA B 75 7.27 -1.78 2.98
CA ALA B 75 7.97 -0.65 2.39
C ALA B 75 7.54 0.59 3.14
N MET B 76 8.49 1.45 3.52
CA MET B 76 8.17 2.67 4.22
C MET B 76 8.44 3.87 3.32
N ASP B 77 7.58 4.89 3.38
CA ASP B 77 7.81 6.08 2.58
C ASP B 77 8.72 7.01 3.38
N HIS B 78 8.85 8.26 2.91
CA HIS B 78 9.76 9.20 3.54
C HIS B 78 9.28 9.61 4.93
N TRP B 79 7.99 9.41 5.22
CA TRP B 79 7.40 9.79 6.51
C TRP B 79 7.21 8.56 7.38
N GLY B 80 7.82 7.42 7.00
CA GLY B 80 7.70 6.19 7.76
C GLY B 80 6.36 5.45 7.53
N ARG B 81 5.45 5.97 6.67
CA ARG B 81 4.14 5.35 6.41
C ARG B 81 4.27 4.12 5.52
N THR B 82 3.63 3.02 5.95
CA THR B 82 3.60 1.77 5.21
C THR B 82 2.29 1.68 4.42
N PRO B 83 2.13 0.67 3.51
CA PRO B 83 0.88 0.51 2.78
C PRO B 83 -0.30 0.36 3.73
N LEU B 84 -0.08 -0.39 4.82
CA LEU B 84 -1.11 -0.54 5.85
C LEU B 84 -1.62 0.82 6.37
N HIS B 85 -0.71 1.77 6.66
CA HIS B 85 -1.09 3.08 7.18
C HIS B 85 -2.00 3.78 6.18
N LEU B 86 -1.71 3.62 4.88
CA LEU B 86 -2.39 4.31 3.79
C LEU B 86 -3.78 3.70 3.57
N ALA B 87 -3.86 2.38 3.51
CA ALA B 87 -5.17 1.72 3.46
C ALA B 87 -6.03 2.14 4.66
N ALA B 88 -5.42 2.25 5.83
CA ALA B 88 -6.20 2.51 7.03
C ALA B 88 -6.76 3.93 7.01
N SER B 89 -5.97 4.89 6.51
CA SER B 89 -6.41 6.26 6.46
CA SER B 89 -6.36 6.28 6.40
C SER B 89 -7.59 6.41 5.51
N ARG B 90 -7.72 5.49 4.54
CA ARG B 90 -8.74 5.61 3.52
C ARG B 90 -9.91 4.64 3.70
N GLY B 91 -9.84 3.78 4.72
CA GLY B 91 -10.98 2.90 5.00
C GLY B 91 -11.03 1.69 4.07
N HIS B 92 -9.92 1.31 3.46
CA HIS B 92 -9.95 0.15 2.60
C HIS B 92 -9.72 -1.13 3.42
N LEU B 93 -10.82 -1.60 4.02
CA LEU B 93 -10.86 -2.77 4.89
C LEU B 93 -10.32 -4.04 4.21
N ASP B 94 -10.80 -4.30 2.99
CA ASP B 94 -10.42 -5.52 2.26
C ASP B 94 -8.92 -5.50 1.99
N ILE B 95 -8.49 -4.31 1.57
CA ILE B 95 -7.07 -4.12 1.35
C ILE B 95 -6.27 -4.39 2.64
N VAL B 96 -6.78 -3.90 3.77
CA VAL B 96 -6.12 -4.13 5.03
C VAL B 96 -5.96 -5.63 5.27
N GLU B 97 -7.05 -6.41 5.05
CA GLU B 97 -6.96 -7.84 5.31
C GLU B 97 -5.89 -8.44 4.41
N VAL B 98 -5.85 -8.02 3.15
CA VAL B 98 -4.88 -8.64 2.26
C VAL B 98 -3.45 -8.31 2.68
N LEU B 99 -3.19 -7.03 2.97
CA LEU B 99 -1.89 -6.65 3.51
C LEU B 99 -1.53 -7.48 4.72
N LEU B 100 -2.47 -7.64 5.67
CA LEU B 100 -2.21 -8.35 6.92
C LEU B 100 -1.89 -9.82 6.63
N LYS B 101 -2.65 -10.43 5.72
CA LYS B 101 -2.52 -11.83 5.34
C LYS B 101 -1.14 -12.07 4.73
N HIS B 102 -0.48 -11.00 4.25
CA HIS B 102 0.82 -11.06 3.60
C HIS B 102 1.91 -10.49 4.53
N GLY B 103 1.64 -10.41 5.82
CA GLY B 103 2.70 -10.13 6.77
C GLY B 103 2.88 -8.66 7.12
N ALA B 104 1.92 -7.79 6.81
CA ALA B 104 2.04 -6.39 7.20
C ALA B 104 2.29 -6.29 8.71
N ASP B 105 3.18 -5.38 9.10
CA ASP B 105 3.50 -5.20 10.51
C ASP B 105 2.53 -4.17 11.10
N VAL B 106 1.76 -4.60 12.10
CA VAL B 106 0.71 -3.79 12.67
C VAL B 106 1.29 -2.70 13.57
N ASN B 107 2.58 -2.79 13.90
CA ASN B 107 3.13 -1.92 14.93
C ASN B 107 3.97 -0.79 14.34
N ALA B 108 4.27 -0.88 13.02
CA ALA B 108 5.09 0.15 12.43
C ALA B 108 4.50 1.53 12.76
N GLN B 109 5.36 2.45 13.25
CA GLN B 109 4.89 3.79 13.58
C GLN B 109 5.44 4.75 12.55
N ASP B 110 4.61 5.70 12.08
CA ASP B 110 5.13 6.66 11.14
C ASP B 110 5.87 7.73 11.95
N LYS B 111 6.35 8.79 11.27
CA LYS B 111 7.19 9.81 11.90
C LYS B 111 6.42 10.44 13.06
N PHE B 112 5.07 10.46 13.02
CA PHE B 112 4.29 11.07 14.10
C PHE B 112 3.99 10.13 15.27
N GLY B 113 4.57 8.92 15.30
CA GLY B 113 4.25 7.96 16.36
C GLY B 113 3.06 7.04 16.02
N LYS B 114 2.20 7.42 15.05
CA LYS B 114 0.96 6.73 14.70
C LYS B 114 1.20 5.33 14.11
N THR B 115 0.37 4.37 14.55
CA THR B 115 0.28 3.09 13.85
C THR B 115 -0.95 3.17 12.97
N ALA B 116 -1.12 2.13 12.14
CA ALA B 116 -2.32 1.95 11.34
C ALA B 116 -3.54 2.00 12.24
N PHE B 117 -3.44 1.34 13.42
CA PHE B 117 -4.53 1.40 14.35
C PHE B 117 -4.95 2.84 14.64
N ASP B 118 -3.98 3.72 14.92
CA ASP B 118 -4.27 5.08 15.37
C ASP B 118 -4.87 5.87 14.23
N ILE B 119 -4.42 5.56 13.00
CA ILE B 119 -4.81 6.32 11.84
C ILE B 119 -6.23 5.92 11.49
N SER B 120 -6.52 4.63 11.69
CA SER B 120 -7.86 4.15 11.44
C SER B 120 -8.87 4.75 12.42
N ILE B 121 -8.45 4.90 13.70
CA ILE B 121 -9.27 5.62 14.69
C ILE B 121 -9.41 7.09 14.30
N ASP B 122 -8.29 7.71 13.94
CA ASP B 122 -8.26 9.12 13.57
C ASP B 122 -9.25 9.41 12.43
N ASN B 123 -9.35 8.51 11.44
CA ASN B 123 -10.16 8.75 10.25
C ASN B 123 -11.56 8.14 10.33
N GLY B 124 -11.97 7.63 11.50
CA GLY B 124 -13.32 7.10 11.65
C GLY B 124 -13.54 5.75 10.96
N ASN B 125 -12.52 4.89 10.90
CA ASN B 125 -12.72 3.63 10.23
C ASN B 125 -12.72 2.53 11.28
N GLU B 126 -13.90 2.30 11.88
CA GLU B 126 -14.00 1.49 13.08
C GLU B 126 -13.94 0.00 12.77
N ASP B 127 -14.36 -0.41 11.57
CA ASP B 127 -14.43 -1.83 11.26
C ASP B 127 -13.04 -2.36 11.02
N LEU B 128 -12.21 -1.61 10.27
CA LEU B 128 -10.83 -2.07 10.14
C LEU B 128 -10.06 -1.82 11.43
N ALA B 129 -10.34 -0.71 12.13
CA ALA B 129 -9.81 -0.61 13.49
C ALA B 129 -9.97 -1.91 14.26
N GLU B 130 -11.19 -2.47 14.32
CA GLU B 130 -11.44 -3.69 15.08
C GLU B 130 -10.54 -4.83 14.62
N ILE B 131 -10.33 -4.94 13.28
CA ILE B 131 -9.50 -6.00 12.74
C ILE B 131 -8.10 -5.86 13.30
N LEU B 132 -7.60 -4.62 13.36
CA LEU B 132 -6.27 -4.33 13.85
C LEU B 132 -6.20 -4.52 15.37
N GLN B 133 -7.28 -4.18 16.07
CA GLN B 133 -7.33 -4.23 17.53
C GLN B 133 -7.03 -5.65 17.99
N LYS B 134 -7.52 -6.62 17.21
CA LYS B 134 -7.38 -8.02 17.49
C LYS B 134 -5.91 -8.41 17.51
N LEU B 135 -5.04 -7.63 16.85
CA LEU B 135 -3.68 -8.05 16.52
C LEU B 135 -2.61 -7.30 17.30
N ASN B 136 -3.00 -6.17 17.93
CA ASN B 136 -2.13 -5.36 18.76
C ASN B 136 -1.31 -6.25 19.71
#